data_1B9H
#
_entry.id   1B9H
#
_cell.length_a   89.700
_cell.length_b   89.700
_cell.length_c   127.700
_cell.angle_alpha   90.00
_cell.angle_beta   90.00
_cell.angle_gamma   120.00
#
_symmetry.space_group_name_H-M   'P 32 2 1'
#
loop_
_entity.id
_entity.type
_entity.pdbx_description
1 polymer 'PROTEIN (3-AMINO-5-HYDROXYBENZOIC ACID SYNTHASE)'
2 non-polymer "PYRIDOXAL-5'-PHOSPHATE"
3 water water
#
_entity_poly.entity_id   1
_entity_poly.type   'polypeptide(L)'
_entity_poly.pdbx_seq_one_letter_code
;MNARKAPEFPAWPQYDDAERNGLVRALEQGQWWRMGGDEVNSFEREFAAHHGAAHALAVTNGTHALELALQVMGVGPGTE
VIVPAFTFISSSQAAQRLGAVTVPVDVDAATYNLDPEAVAAAVTPRTKVIMPVHMAGLMADMDALAKISADTGVPLLQDA
AHAHGARWQGKRVGELDSIATFSFQNGKLMTAGEGGAVVFPDGETEKYETAFLRHSCGRPRDDRRYFHKIAGSNMRLNEF
SASVLRAQLARLDEQIAVRDERWTLLSRLLGAIDGVVPQGGDVRADRNSHYMAMFRIPGLTEERRNALVDRLVEAGLPAF
AAFRAIYRTDAFWELGAPDESVDAIARRCPNTDAISSDCVWLHHRVLLAGEPELHATAEIIADAVARA
;
_entity_poly.pdbx_strand_id   A
#
# COMPACT_ATOMS: atom_id res chain seq x y z
N LYS A 5 -7.35 -32.16 6.91
CA LYS A 5 -6.22 -32.31 5.94
C LYS A 5 -5.73 -30.90 5.60
N ALA A 6 -6.75 -30.04 5.50
CA ALA A 6 -6.51 -28.63 5.14
C ALA A 6 -5.50 -28.00 6.07
N PRO A 7 -4.45 -27.42 5.52
CA PRO A 7 -3.41 -26.75 6.27
C PRO A 7 -3.99 -25.54 7.01
N GLU A 8 -3.69 -25.40 8.30
CA GLU A 8 -4.20 -24.22 9.03
C GLU A 8 -3.16 -23.14 9.14
N PHE A 9 -3.57 -21.85 9.08
CA PHE A 9 -2.56 -20.77 9.15
C PHE A 9 -2.80 -19.89 10.36
N PRO A 10 -1.78 -19.15 10.78
CA PRO A 10 -1.98 -18.26 11.94
C PRO A 10 -3.05 -17.21 11.60
N ALA A 11 -3.83 -16.85 12.62
CA ALA A 11 -4.86 -15.80 12.59
C ALA A 11 -4.29 -14.45 12.22
N TRP A 12 -5.17 -13.53 11.75
CA TRP A 12 -4.88 -12.16 11.46
C TRP A 12 -6.17 -11.33 11.53
N PRO A 13 -6.13 -10.17 12.20
CA PRO A 13 -4.99 -9.71 12.93
C PRO A 13 -4.63 -10.56 14.17
N GLN A 14 -3.50 -10.24 14.84
CA GLN A 14 -3.02 -10.84 16.05
C GLN A 14 -2.95 -9.76 17.16
N TYR A 15 -3.10 -10.22 18.38
CA TYR A 15 -2.94 -9.30 19.50
C TYR A 15 -2.61 -10.12 20.75
N ASP A 16 -2.28 -9.42 21.82
CA ASP A 16 -2.13 -10.12 23.11
C ASP A 16 -2.34 -9.04 24.18
N ASP A 17 -1.65 -9.08 25.29
CA ASP A 17 -1.82 -8.17 26.41
C ASP A 17 -1.35 -6.78 26.02
N ALA A 18 -0.45 -6.67 25.05
CA ALA A 18 -0.03 -5.36 24.67
C ALA A 18 -1.26 -4.53 24.22
N GLU A 19 -2.11 -5.08 23.38
CA GLU A 19 -3.30 -4.47 22.88
C GLU A 19 -4.24 -4.15 24.07
N ARG A 20 -4.47 -5.15 24.88
CA ARG A 20 -5.32 -5.02 26.05
C ARG A 20 -4.91 -3.86 26.95
N ASN A 21 -3.66 -3.86 27.40
CA ASN A 21 -3.19 -2.77 28.23
C ASN A 21 -3.32 -1.43 27.52
N GLY A 22 -3.06 -1.48 26.20
CA GLY A 22 -3.03 -0.27 25.39
C GLY A 22 -4.38 0.47 25.41
N LEU A 23 -5.44 -0.30 25.21
CA LEU A 23 -6.79 0.17 25.11
C LEU A 23 -7.21 0.74 26.47
N VAL A 24 -6.86 0.08 27.55
CA VAL A 24 -7.07 0.56 28.90
C VAL A 24 -6.32 1.86 29.16
N ARG A 25 -5.04 1.90 28.76
CA ARG A 25 -4.26 3.09 28.94
C ARG A 25 -4.94 4.24 28.20
N ALA A 26 -5.38 4.00 26.95
CA ALA A 26 -6.01 5.05 26.19
C ALA A 26 -7.30 5.46 26.91
N LEU A 27 -8.13 4.49 27.23
CA LEU A 27 -9.35 4.82 27.96
C LEU A 27 -9.08 5.67 29.21
N GLU A 28 -8.13 5.29 30.03
CA GLU A 28 -7.90 5.90 31.32
C GLU A 28 -7.23 7.24 31.36
N GLN A 29 -6.76 7.74 30.23
CA GLN A 29 -6.33 9.08 30.01
C GLN A 29 -7.56 9.99 30.20
N GLY A 30 -8.78 9.50 30.00
CA GLY A 30 -10.01 10.29 30.13
C GLY A 30 -10.24 11.22 28.95
N GLN A 31 -9.36 11.26 27.94
CA GLN A 31 -9.40 12.15 26.79
C GLN A 31 -9.05 11.28 25.58
N TRP A 32 -9.93 11.22 24.59
CA TRP A 32 -9.83 10.17 23.57
C TRP A 32 -9.51 10.67 22.21
N TRP A 33 -9.19 11.95 22.05
CA TRP A 33 -8.82 12.49 20.77
C TRP A 33 -7.35 12.93 20.98
N ARG A 34 -6.64 13.12 19.86
CA ARG A 34 -5.21 13.46 19.94
C ARG A 34 -4.91 14.76 20.67
N MET A 35 -5.81 15.75 20.75
CA MET A 35 -5.50 16.99 21.44
C MET A 35 -5.53 16.80 22.94
N GLY A 36 -6.14 15.77 23.51
CA GLY A 36 -6.09 15.66 24.96
C GLY A 36 -5.28 14.46 25.42
N GLY A 37 -4.95 13.51 24.54
CA GLY A 37 -4.24 12.32 25.01
C GLY A 37 -2.79 12.36 24.45
N ASP A 38 -2.08 11.24 24.65
CA ASP A 38 -0.76 11.15 24.09
C ASP A 38 -0.48 9.92 23.22
N GLU A 39 -1.48 9.08 22.99
CA GLU A 39 -1.24 7.90 22.19
C GLU A 39 -0.96 8.19 20.74
N VAL A 40 -1.73 9.09 20.09
CA VAL A 40 -1.49 9.39 18.72
C VAL A 40 -0.12 10.06 18.62
N ASN A 41 0.13 10.98 19.55
CA ASN A 41 1.40 11.71 19.49
C ASN A 41 2.60 10.77 19.55
N SER A 42 2.62 9.85 20.47
CA SER A 42 3.58 8.82 20.69
C SER A 42 3.64 7.82 19.51
N PHE A 43 2.52 7.36 18.97
CA PHE A 43 2.52 6.47 17.83
C PHE A 43 3.19 7.17 16.68
N GLU A 44 2.96 8.49 16.52
CA GLU A 44 3.55 9.17 15.38
C GLU A 44 5.08 9.17 15.45
N ARG A 45 5.64 9.50 16.60
CA ARG A 45 7.09 9.46 16.74
C ARG A 45 7.66 8.05 16.59
N GLU A 46 7.07 7.05 17.20
CA GLU A 46 7.51 5.69 17.03
C GLU A 46 7.41 5.28 15.56
N PHE A 47 6.29 5.63 14.90
CA PHE A 47 6.13 5.15 13.54
C PHE A 47 7.16 5.77 12.63
N ALA A 48 7.36 7.07 12.79
CA ALA A 48 8.27 7.84 12.01
C ALA A 48 9.74 7.41 12.23
N ALA A 49 10.16 7.28 13.47
CA ALA A 49 11.46 6.70 13.79
C ALA A 49 11.61 5.35 13.11
N HIS A 50 10.64 4.46 13.22
CA HIS A 50 10.72 3.14 12.62
C HIS A 50 10.94 3.13 11.11
N HIS A 51 10.51 4.20 10.45
CA HIS A 51 10.70 4.31 9.04
C HIS A 51 11.79 5.31 8.70
N GLY A 52 12.58 5.70 9.71
CA GLY A 52 13.55 6.77 9.50
C GLY A 52 13.01 8.06 8.93
N ALA A 53 11.73 8.41 9.19
CA ALA A 53 11.22 9.67 8.61
C ALA A 53 11.45 10.85 9.56
N ALA A 54 11.47 12.11 9.09
CA ALA A 54 11.51 13.23 9.98
C ALA A 54 10.18 13.37 10.74
N HIS A 55 9.04 13.15 10.08
CA HIS A 55 7.76 13.32 10.75
C HIS A 55 6.73 12.28 10.29
N ALA A 56 5.83 11.88 11.19
CA ALA A 56 4.72 11.02 10.81
C ALA A 56 3.36 11.64 11.21
N LEU A 57 2.40 11.64 10.29
CA LEU A 57 1.05 12.18 10.59
C LEU A 57 0.03 11.06 10.57
N ALA A 58 -0.39 10.57 11.74
CA ALA A 58 -1.38 9.49 11.76
C ALA A 58 -2.76 10.03 11.41
N VAL A 59 -3.48 9.36 10.53
CA VAL A 59 -4.78 9.79 10.02
C VAL A 59 -5.84 8.70 10.04
N THR A 60 -7.10 9.04 9.66
CA THR A 60 -8.17 8.07 9.66
C THR A 60 -7.93 6.79 8.89
N ASN A 61 -7.34 6.81 7.68
CA ASN A 61 -7.18 5.62 6.85
C ASN A 61 -6.18 5.93 5.73
N GLY A 62 -5.73 4.86 5.08
CA GLY A 62 -4.72 5.04 4.01
C GLY A 62 -5.23 5.76 2.81
N THR A 63 -6.56 5.75 2.58
CA THR A 63 -7.17 6.49 1.48
C THR A 63 -7.08 8.00 1.79
N HIS A 64 -7.36 8.38 3.03
CA HIS A 64 -7.22 9.82 3.32
C HIS A 64 -5.77 10.22 3.44
N ALA A 65 -4.87 9.31 3.87
CA ALA A 65 -3.44 9.64 3.83
C ALA A 65 -3.01 9.98 2.40
N LEU A 66 -3.50 9.20 1.37
CA LEU A 66 -3.16 9.64 0.02
C LEU A 66 -3.77 10.96 -0.39
N GLU A 67 -5.04 11.18 -0.01
CA GLU A 67 -5.71 12.40 -0.37
C GLU A 67 -5.00 13.59 0.26
N LEU A 68 -4.63 13.51 1.52
CA LEU A 68 -3.95 14.60 2.18
C LEU A 68 -2.55 14.82 1.58
N ALA A 69 -1.76 13.75 1.41
CA ALA A 69 -0.46 13.90 0.75
C ALA A 69 -0.65 14.51 -0.64
N LEU A 70 -1.46 13.99 -1.58
CA LEU A 70 -1.60 14.63 -2.88
C LEU A 70 -1.98 16.10 -2.75
N GLN A 71 -2.84 16.48 -1.79
CA GLN A 71 -3.26 17.86 -1.63
C GLN A 71 -2.11 18.75 -1.17
N VAL A 72 -1.27 18.37 -0.22
CA VAL A 72 -0.17 19.25 0.16
C VAL A 72 0.90 19.22 -0.93
N MET A 73 0.91 18.33 -1.90
CA MET A 73 1.89 18.27 -2.95
C MET A 73 1.34 18.92 -4.23
N GLY A 74 0.26 19.68 -4.11
CA GLY A 74 -0.34 20.46 -5.13
C GLY A 74 -1.37 19.76 -5.99
N VAL A 75 -1.83 18.55 -5.68
CA VAL A 75 -2.77 17.94 -6.63
C VAL A 75 -4.07 18.72 -6.59
N GLY A 76 -4.66 18.91 -7.77
CA GLY A 76 -5.95 19.61 -7.81
C GLY A 76 -6.40 19.80 -9.25
N PRO A 77 -7.49 20.53 -9.41
CA PRO A 77 -8.02 20.82 -10.73
C PRO A 77 -6.90 21.35 -11.64
N GLY A 78 -6.86 20.62 -12.77
CA GLY A 78 -5.88 20.95 -13.76
C GLY A 78 -4.65 20.11 -13.69
N THR A 79 -4.51 19.16 -12.79
CA THR A 79 -3.27 18.40 -12.73
C THR A 79 -3.54 16.95 -13.12
N GLU A 80 -2.43 16.26 -13.31
CA GLU A 80 -2.43 14.86 -13.67
C GLU A 80 -1.62 14.13 -12.64
N VAL A 81 -2.08 12.98 -12.22
CA VAL A 81 -1.29 12.16 -11.30
C VAL A 81 -1.04 10.82 -12.00
N ILE A 82 0.20 10.40 -12.09
CA ILE A 82 0.58 9.15 -12.72
C ILE A 82 0.51 8.03 -11.70
N VAL A 83 -0.22 6.95 -11.90
CA VAL A 83 -0.30 5.92 -10.87
C VAL A 83 -0.18 4.61 -11.60
N PRO A 84 0.25 3.54 -10.98
CA PRO A 84 0.25 2.25 -11.67
C PRO A 84 -1.20 1.85 -11.93
N ALA A 85 -1.43 1.27 -13.10
CA ALA A 85 -2.75 0.83 -13.53
C ALA A 85 -3.12 -0.45 -12.77
N PHE A 86 -2.16 -1.19 -12.21
CA PHE A 86 -2.48 -2.32 -11.35
C PHE A 86 -2.22 -1.97 -9.88
N THR A 87 -3.25 -1.61 -9.12
CA THR A 87 -3.20 -1.22 -7.71
C THR A 87 -4.61 -1.25 -7.15
N PHE A 88 -4.81 -0.93 -5.90
CA PHE A 88 -6.09 -0.80 -5.23
C PHE A 88 -6.67 0.53 -5.70
N ILE A 89 -8.00 0.64 -5.92
CA ILE A 89 -8.60 1.85 -6.43
C ILE A 89 -8.31 3.10 -5.66
N SER A 90 -8.01 3.02 -4.36
CA SER A 90 -7.74 4.27 -3.61
C SER A 90 -6.63 5.13 -4.20
N SER A 91 -5.63 4.48 -4.81
CA SER A 91 -4.50 5.16 -5.42
C SER A 91 -4.97 6.13 -6.49
N SER A 92 -5.93 5.79 -7.35
CA SER A 92 -6.41 6.80 -8.31
C SER A 92 -7.50 7.63 -7.68
N GLN A 93 -8.37 6.91 -6.95
CA GLN A 93 -9.53 7.59 -6.36
C GLN A 93 -9.18 8.86 -5.61
N ALA A 94 -8.09 8.80 -4.84
CA ALA A 94 -7.61 9.96 -4.11
C ALA A 94 -7.31 11.13 -5.03
N ALA A 95 -6.72 10.89 -6.19
CA ALA A 95 -6.38 12.02 -7.07
C ALA A 95 -7.70 12.55 -7.63
N GLN A 96 -8.54 11.60 -8.07
CA GLN A 96 -9.83 11.94 -8.66
C GLN A 96 -10.71 12.65 -7.70
N ARG A 97 -10.62 12.43 -6.39
CA ARG A 97 -11.42 13.17 -5.40
C ARG A 97 -10.97 14.61 -5.24
N LEU A 98 -9.73 14.92 -5.65
CA LEU A 98 -9.14 16.23 -5.58
C LEU A 98 -9.41 17.03 -6.87
N GLY A 99 -9.98 16.44 -7.91
CA GLY A 99 -10.28 17.20 -9.12
C GLY A 99 -9.21 17.07 -10.17
N ALA A 100 -8.32 16.09 -9.93
CA ALA A 100 -7.16 15.93 -10.81
C ALA A 100 -7.50 14.82 -11.79
N VAL A 101 -6.67 14.58 -12.77
CA VAL A 101 -6.93 13.51 -13.72
C VAL A 101 -5.98 12.39 -13.36
N THR A 102 -6.44 11.15 -13.36
CA THR A 102 -5.54 10.06 -13.04
C THR A 102 -5.06 9.45 -14.35
N VAL A 103 -3.74 9.36 -14.51
CA VAL A 103 -3.18 8.79 -15.74
C VAL A 103 -2.57 7.44 -15.41
N PRO A 104 -3.25 6.34 -15.67
CA PRO A 104 -2.77 5.02 -15.37
C PRO A 104 -1.60 4.61 -16.23
N VAL A 105 -0.58 4.00 -15.65
CA VAL A 105 0.65 3.67 -16.43
C VAL A 105 0.98 2.22 -16.20
N ASP A 106 1.60 1.53 -17.16
CA ASP A 106 1.87 0.13 -17.01
C ASP A 106 2.85 -0.19 -15.88
N VAL A 107 2.94 -1.45 -15.49
CA VAL A 107 3.79 -2.00 -14.46
C VAL A 107 4.67 -3.09 -15.03
N ASP A 108 5.74 -3.44 -14.28
CA ASP A 108 6.61 -4.52 -14.67
C ASP A 108 5.86 -5.84 -14.78
N ALA A 109 6.28 -6.73 -15.68
CA ALA A 109 5.62 -8.03 -15.85
C ALA A 109 5.90 -8.97 -14.70
N ALA A 110 7.06 -8.70 -14.09
CA ALA A 110 7.51 -9.59 -13.03
C ALA A 110 7.23 -9.18 -11.60
N THR A 111 7.44 -7.95 -11.23
CA THR A 111 7.28 -7.39 -9.90
C THR A 111 5.91 -6.72 -9.76
N TYR A 112 5.26 -6.32 -10.85
CA TYR A 112 3.94 -5.74 -10.91
C TYR A 112 4.02 -4.32 -10.34
N ASN A 113 5.24 -3.76 -10.41
CA ASN A 113 5.54 -2.44 -9.97
C ASN A 113 5.59 -1.44 -11.09
N LEU A 114 5.31 -0.17 -10.77
CA LEU A 114 5.16 0.85 -11.78
C LEU A 114 6.42 0.87 -12.68
N ASP A 115 6.19 0.65 -13.98
CA ASP A 115 7.28 0.58 -14.96
C ASP A 115 7.88 1.95 -15.21
N PRO A 116 9.17 2.10 -14.90
CA PRO A 116 9.87 3.37 -15.04
C PRO A 116 9.84 3.99 -16.42
N GLU A 117 10.00 3.19 -17.49
CA GLU A 117 9.92 3.74 -18.85
C GLU A 117 8.51 4.15 -19.23
N ALA A 118 7.52 3.32 -18.85
CA ALA A 118 6.13 3.77 -19.10
C ALA A 118 5.87 5.11 -18.43
N VAL A 119 6.48 5.38 -17.23
CA VAL A 119 6.11 6.66 -16.64
C VAL A 119 6.79 7.77 -17.39
N ALA A 120 8.06 7.55 -17.80
CA ALA A 120 8.74 8.66 -18.54
C ALA A 120 7.90 9.14 -19.72
N ALA A 121 7.19 8.27 -20.41
CA ALA A 121 6.33 8.67 -21.50
C ALA A 121 4.98 9.27 -21.16
N ALA A 122 4.48 9.05 -19.92
CA ALA A 122 3.11 9.56 -19.67
C ALA A 122 3.24 10.96 -19.09
N VAL A 123 4.51 11.17 -18.71
CA VAL A 123 4.92 12.43 -18.13
C VAL A 123 4.51 13.47 -19.19
N THR A 124 4.01 14.55 -18.63
CA THR A 124 3.35 15.60 -19.40
C THR A 124 3.61 16.89 -18.66
N PRO A 125 3.26 18.02 -19.26
CA PRO A 125 3.40 19.33 -18.65
C PRO A 125 2.37 19.60 -17.56
N ARG A 126 1.43 18.69 -17.36
CA ARG A 126 0.38 18.76 -16.38
C ARG A 126 0.71 17.91 -15.15
N THR A 127 1.58 16.92 -15.33
CA THR A 127 1.92 15.96 -14.28
C THR A 127 2.38 16.62 -12.99
N LYS A 128 1.59 16.41 -11.91
CA LYS A 128 1.97 16.94 -10.62
C LYS A 128 2.68 15.91 -9.77
N VAL A 129 2.33 14.63 -9.80
CA VAL A 129 2.91 13.66 -8.88
C VAL A 129 3.02 12.33 -9.61
N ILE A 130 4.10 11.62 -9.42
CA ILE A 130 4.23 10.26 -9.91
C ILE A 130 4.09 9.39 -8.66
N MET A 131 3.20 8.38 -8.68
CA MET A 131 3.00 7.59 -7.48
C MET A 131 3.26 6.13 -7.52
N PRO A 132 4.51 5.68 -7.31
CA PRO A 132 4.80 4.26 -7.27
C PRO A 132 3.97 3.68 -6.11
N VAL A 133 3.65 2.41 -6.22
CA VAL A 133 3.09 1.57 -5.21
C VAL A 133 4.08 0.42 -5.01
N HIS A 134 4.46 0.06 -3.79
CA HIS A 134 5.36 -1.02 -3.53
C HIS A 134 4.54 -2.28 -3.45
N MET A 135 4.32 -2.86 -4.65
CA MET A 135 3.44 -4.00 -4.75
C MET A 135 3.77 -5.14 -3.86
N ALA A 136 2.87 -5.55 -2.96
CA ALA A 136 3.00 -6.64 -2.04
C ALA A 136 4.16 -6.52 -1.06
N GLY A 137 4.73 -5.38 -0.91
CA GLY A 137 5.81 -5.17 0.03
C GLY A 137 7.14 -5.07 -0.71
N LEU A 138 7.13 -5.33 -2.02
CA LEU A 138 8.37 -5.23 -2.80
C LEU A 138 8.50 -3.85 -3.35
N MET A 139 9.50 -3.06 -2.90
CA MET A 139 9.66 -1.71 -3.39
C MET A 139 9.78 -1.66 -4.91
N ALA A 140 9.29 -0.58 -5.46
CA ALA A 140 9.34 -0.16 -6.83
C ALA A 140 10.76 0.38 -7.06
N ASP A 141 11.09 0.68 -8.31
CA ASP A 141 12.46 1.09 -8.66
C ASP A 141 12.67 2.54 -8.34
N MET A 142 13.00 2.78 -7.06
CA MET A 142 13.09 4.17 -6.57
C MET A 142 14.31 4.85 -7.15
N ASP A 143 15.34 4.07 -7.53
CA ASP A 143 16.50 4.70 -8.22
C ASP A 143 16.12 5.29 -9.58
N ALA A 144 15.49 4.42 -10.42
CA ALA A 144 15.10 4.93 -11.74
C ALA A 144 13.98 5.95 -11.67
N LEU A 145 13.07 5.65 -10.69
CA LEU A 145 11.97 6.64 -10.52
C LEU A 145 12.52 7.97 -10.05
N ALA A 146 13.51 7.99 -9.14
CA ALA A 146 14.05 9.28 -8.68
C ALA A 146 14.79 10.05 -9.77
N LYS A 147 15.39 9.31 -10.72
CA LYS A 147 16.03 9.99 -11.86
C LYS A 147 15.02 10.72 -12.71
N ILE A 148 13.89 10.06 -13.01
CA ILE A 148 12.80 10.63 -13.84
C ILE A 148 12.27 11.87 -13.15
N SER A 149 12.20 11.71 -11.81
CA SER A 149 11.73 12.76 -10.93
C SER A 149 12.63 13.97 -11.03
N ALA A 150 13.93 13.72 -10.95
CA ALA A 150 14.92 14.79 -11.13
C ALA A 150 14.84 15.42 -12.52
N ASP A 151 14.84 14.58 -13.56
CA ASP A 151 14.71 15.16 -14.92
C ASP A 151 13.42 15.90 -15.16
N THR A 152 12.26 15.38 -14.72
CA THR A 152 11.04 16.18 -15.04
C THR A 152 10.75 17.26 -14.03
N GLY A 153 11.28 17.06 -12.79
CA GLY A 153 10.87 18.00 -11.73
C GLY A 153 9.45 17.66 -11.24
N VAL A 154 9.09 16.38 -11.36
CA VAL A 154 7.78 15.92 -10.90
C VAL A 154 8.05 15.09 -9.66
N PRO A 155 7.62 15.54 -8.49
CA PRO A 155 7.85 14.80 -7.25
C PRO A 155 7.18 13.44 -7.19
N LEU A 156 7.76 12.52 -6.46
CA LEU A 156 7.25 11.19 -6.24
C LEU A 156 6.44 11.09 -4.94
N LEU A 157 5.41 10.26 -4.93
CA LEU A 157 4.67 10.03 -3.64
C LEU A 157 4.61 8.52 -3.51
N GLN A 158 5.13 7.90 -2.49
CA GLN A 158 5.09 6.46 -2.35
C GLN A 158 3.78 5.99 -1.70
N ASP A 159 3.10 5.13 -2.42
CA ASP A 159 1.93 4.52 -1.81
C ASP A 159 2.48 3.27 -1.15
N ALA A 160 2.78 3.35 0.15
CA ALA A 160 3.48 2.34 0.88
C ALA A 160 2.55 1.55 1.78
N ALA A 161 1.26 1.45 1.38
CA ALA A 161 0.30 0.68 2.15
C ALA A 161 0.67 -0.79 2.27
N HIS A 162 1.44 -1.37 1.38
CA HIS A 162 1.83 -2.78 1.47
C HIS A 162 3.26 -2.96 2.05
N ALA A 163 3.92 -1.85 2.29
CA ALA A 163 5.30 -1.84 2.64
C ALA A 163 5.75 -1.29 3.98
N HIS A 164 4.97 -1.62 5.02
CA HIS A 164 5.42 -1.27 6.35
C HIS A 164 6.77 -1.99 6.58
N GLY A 165 7.72 -1.26 7.17
CA GLY A 165 9.03 -1.84 7.49
C GLY A 165 9.85 -2.23 6.26
N ALA A 166 9.69 -1.70 5.07
CA ALA A 166 10.40 -2.20 3.89
C ALA A 166 11.68 -1.42 3.62
N ARG A 167 12.57 -1.99 2.78
CA ARG A 167 13.81 -1.21 2.53
C ARG A 167 14.27 -1.34 1.08
N TRP A 168 14.75 -0.23 0.60
CA TRP A 168 15.32 -0.07 -0.70
C TRP A 168 16.77 0.43 -0.54
N GLN A 169 17.69 -0.41 -1.01
CA GLN A 169 19.12 -0.08 -0.98
C GLN A 169 19.55 0.29 0.43
N GLY A 170 19.25 -0.57 1.41
CA GLY A 170 19.52 -0.29 2.78
C GLY A 170 18.72 0.90 3.36
N LYS A 171 17.87 1.60 2.64
CA LYS A 171 17.16 2.77 3.11
C LYS A 171 15.70 2.46 3.45
N ARG A 172 15.21 3.15 4.48
CA ARG A 172 13.82 2.97 4.95
C ARG A 172 12.83 3.78 4.17
N VAL A 173 11.51 3.42 4.23
CA VAL A 173 10.55 4.17 3.40
C VAL A 173 10.73 5.62 3.56
N GLY A 174 10.98 6.05 4.85
CA GLY A 174 11.09 7.47 5.11
C GLY A 174 12.49 8.06 4.84
N GLU A 175 13.40 7.29 4.25
CA GLU A 175 14.76 7.78 3.97
C GLU A 175 15.10 7.88 2.51
N LEU A 176 14.08 7.92 1.66
CA LEU A 176 14.19 8.08 0.20
C LEU A 176 13.94 9.56 0.10
N ASP A 177 13.56 10.33 -0.87
CA ASP A 177 13.49 11.78 -0.42
C ASP A 177 12.06 12.21 -0.70
N SER A 178 11.16 11.24 -0.48
CA SER A 178 9.76 11.48 -0.83
C SER A 178 8.80 11.23 0.34
N ILE A 179 7.68 11.94 0.29
CA ILE A 179 6.55 11.66 1.19
C ILE A 179 6.04 10.27 0.90
N ALA A 180 5.62 9.51 1.90
CA ALA A 180 5.00 8.22 1.65
C ALA A 180 3.70 8.03 2.50
N THR A 181 2.79 7.15 2.06
CA THR A 181 1.55 6.95 2.79
C THR A 181 1.39 5.51 3.19
N PHE A 182 0.72 5.27 4.32
CA PHE A 182 0.50 3.88 4.69
C PHE A 182 -0.97 3.65 5.02
N SER A 183 -1.43 2.42 5.05
CA SER A 183 -2.74 2.03 5.53
C SER A 183 -2.54 1.13 6.74
N PHE A 184 -3.49 1.14 7.69
CA PHE A 184 -3.49 0.22 8.80
C PHE A 184 -4.83 -0.48 8.86
N GLN A 185 -5.47 -0.69 7.71
CA GLN A 185 -6.75 -1.39 7.57
C GLN A 185 -6.54 -2.84 7.93
N ASN A 186 -7.55 -3.50 8.49
CA ASN A 186 -7.55 -4.81 9.08
C ASN A 186 -6.66 -5.92 8.53
N GLY A 187 -6.61 -6.10 7.22
CA GLY A 187 -5.76 -7.06 6.57
C GLY A 187 -4.35 -6.58 6.25
N LYS A 188 -3.94 -5.35 6.57
CA LYS A 188 -2.59 -4.87 6.36
C LYS A 188 -1.61 -5.45 7.40
N LEU A 189 -0.31 -5.24 7.23
CA LEU A 189 0.80 -5.76 8.01
C LEU A 189 0.94 -5.26 9.45
N MET A 190 0.41 -4.07 9.77
CA MET A 190 -0.01 -3.78 11.15
C MET A 190 -1.35 -3.02 11.13
N THR A 191 -2.25 -3.27 12.06
CA THR A 191 -3.62 -2.75 11.95
C THR A 191 -4.33 -2.39 13.24
N ALA A 192 -5.32 -1.49 13.12
CA ALA A 192 -6.24 -1.26 14.22
C ALA A 192 -7.66 -1.33 13.70
N GLY A 193 -7.80 -2.10 12.61
CA GLY A 193 -9.08 -2.26 11.93
C GLY A 193 -9.17 -1.21 10.87
N GLU A 194 -8.99 0.08 11.22
CA GLU A 194 -8.85 1.17 10.33
C GLU A 194 -7.65 2.00 10.78
N GLY A 195 -7.10 2.74 9.83
CA GLY A 195 -6.07 3.72 10.15
C GLY A 195 -5.13 4.06 9.01
N GLY A 196 -4.40 5.19 9.08
CA GLY A 196 -3.43 5.45 8.01
C GLY A 196 -2.34 6.38 8.52
N ALA A 197 -1.39 6.68 7.63
CA ALA A 197 -0.32 7.59 8.02
C ALA A 197 0.31 8.21 6.78
N VAL A 198 0.76 9.45 6.97
CA VAL A 198 1.55 10.15 6.01
C VAL A 198 2.95 10.32 6.66
N VAL A 199 4.02 9.91 5.95
CA VAL A 199 5.36 10.04 6.62
C VAL A 199 6.15 10.99 5.78
N PHE A 200 6.90 11.90 6.40
CA PHE A 200 7.61 12.96 5.67
C PHE A 200 9.13 12.80 5.86
N PRO A 201 9.89 12.74 4.77
CA PRO A 201 11.35 12.64 4.87
C PRO A 201 11.89 13.97 5.34
N ASP A 202 13.17 13.92 5.65
CA ASP A 202 13.95 15.09 6.04
C ASP A 202 13.80 16.13 4.95
N GLY A 203 13.71 17.40 5.31
CA GLY A 203 13.46 18.38 4.26
C GLY A 203 12.01 18.74 4.00
N GLU A 204 11.02 18.00 4.52
CA GLU A 204 9.64 18.37 4.19
C GLU A 204 8.78 18.87 5.34
N THR A 205 9.35 19.52 6.31
CA THR A 205 8.60 20.07 7.43
C THR A 205 7.52 21.02 6.99
N GLU A 206 7.60 21.86 5.98
CA GLU A 206 6.52 22.78 5.67
C GLU A 206 5.26 22.06 5.19
N LYS A 207 5.48 20.97 4.46
CA LYS A 207 4.37 20.19 3.94
C LYS A 207 3.71 19.41 5.06
N TYR A 208 4.52 18.99 6.01
CA TYR A 208 4.09 18.35 7.20
C TYR A 208 3.21 19.30 8.02
N GLU A 209 3.56 20.55 8.12
CA GLU A 209 2.73 21.49 8.89
C GLU A 209 1.42 21.72 8.17
N THR A 210 1.51 22.00 6.88
CA THR A 210 0.31 22.18 6.07
C THR A 210 -0.62 20.97 6.18
N ALA A 211 -0.07 19.76 6.07
CA ALA A 211 -0.90 18.56 6.22
C ALA A 211 -1.60 18.46 7.58
N PHE A 212 -0.93 18.74 8.68
CA PHE A 212 -1.55 18.80 9.99
C PHE A 212 -2.77 19.73 10.01
N LEU A 213 -2.53 20.96 9.53
CA LEU A 213 -3.59 21.94 9.39
C LEU A 213 -4.73 21.46 8.51
N ARG A 214 -4.50 20.95 7.31
CA ARG A 214 -5.56 20.42 6.48
C ARG A 214 -6.32 19.22 7.04
N HIS A 215 -5.72 18.45 7.93
CA HIS A 215 -6.35 17.26 8.48
C HIS A 215 -7.17 17.55 9.76
N SER A 216 -7.03 18.77 10.27
CA SER A 216 -7.75 19.15 11.47
C SER A 216 -8.67 20.34 11.24
N CYS A 217 -9.45 20.36 10.16
CA CYS A 217 -10.38 21.45 9.84
C CYS A 217 -9.69 22.80 9.71
N GLY A 218 -8.41 22.78 9.32
CA GLY A 218 -7.59 23.95 9.12
C GLY A 218 -7.44 24.82 10.34
N ARG A 219 -7.54 24.26 11.52
CA ARG A 219 -7.40 24.94 12.79
C ARG A 219 -6.15 24.66 13.58
N PRO A 220 -5.37 25.71 13.89
CA PRO A 220 -4.13 25.58 14.64
C PRO A 220 -4.38 24.77 15.89
N ARG A 221 -3.43 23.93 16.31
CA ARG A 221 -3.64 23.08 17.47
C ARG A 221 -4.12 23.83 18.70
N ASP A 222 -3.64 25.06 18.95
CA ASP A 222 -4.19 25.69 20.17
C ASP A 222 -4.90 27.00 19.88
N ASP A 223 -5.62 27.01 18.75
CA ASP A 223 -6.53 28.11 18.45
C ASP A 223 -7.65 28.00 19.52
N ARG A 224 -8.07 29.16 20.04
CA ARG A 224 -9.19 29.22 20.96
C ARG A 224 -10.37 30.02 20.41
N ARG A 225 -10.22 30.71 19.26
CA ARG A 225 -11.27 31.63 18.82
C ARG A 225 -11.84 31.22 17.48
N TYR A 226 -11.69 29.93 17.13
CA TYR A 226 -12.15 29.43 15.83
C TYR A 226 -11.52 30.13 14.63
N PHE A 227 -10.19 30.29 14.60
CA PHE A 227 -9.50 30.84 13.45
C PHE A 227 -9.11 29.73 12.47
N HIS A 228 -9.95 29.46 11.47
CA HIS A 228 -9.62 28.49 10.43
C HIS A 228 -8.84 29.20 9.32
N LYS A 229 -7.55 28.80 9.15
CA LYS A 229 -6.64 29.42 8.21
C LYS A 229 -6.86 28.92 6.78
N ILE A 230 -7.00 27.60 6.69
CA ILE A 230 -7.14 27.03 5.35
C ILE A 230 -8.23 25.96 5.38
N ALA A 231 -8.72 25.65 4.21
CA ALA A 231 -9.70 24.61 3.98
C ALA A 231 -9.08 23.23 4.21
N GLY A 232 -9.95 22.24 4.13
CA GLY A 232 -9.63 20.84 4.30
C GLY A 232 -10.73 19.90 4.78
N SER A 233 -10.41 19.20 5.87
CA SER A 233 -11.31 18.18 6.39
C SER A 233 -10.91 17.85 7.81
N ASN A 234 -11.46 16.74 8.31
CA ASN A 234 -11.08 16.19 9.58
C ASN A 234 -10.52 14.83 9.22
N MET A 235 -9.23 14.58 9.48
CA MET A 235 -8.76 13.20 9.17
C MET A 235 -8.02 12.72 10.40
N ARG A 236 -8.40 13.20 11.60
CA ARG A 236 -7.71 12.86 12.85
C ARG A 236 -7.97 11.40 13.29
N LEU A 237 -6.93 10.71 13.82
CA LEU A 237 -6.95 9.37 14.33
C LEU A 237 -7.21 9.53 15.84
N ASN A 238 -8.00 8.66 16.43
CA ASN A 238 -8.38 8.58 17.82
C ASN A 238 -7.39 7.77 18.64
N GLU A 239 -7.38 8.06 19.96
CA GLU A 239 -6.45 7.45 20.88
C GLU A 239 -6.57 5.96 21.01
N PHE A 240 -7.78 5.38 20.94
CA PHE A 240 -7.82 3.93 21.07
C PHE A 240 -7.09 3.30 19.86
N SER A 241 -7.32 3.77 18.63
CA SER A 241 -6.72 3.18 17.44
C SER A 241 -5.19 3.27 17.52
N ALA A 242 -4.72 4.48 17.90
CA ALA A 242 -3.29 4.68 18.04
C ALA A 242 -2.64 3.70 18.99
N SER A 243 -3.25 3.52 20.18
CA SER A 243 -2.69 2.60 21.15
C SER A 243 -2.63 1.18 20.59
N VAL A 244 -3.59 0.66 19.84
CA VAL A 244 -3.46 -0.69 19.26
C VAL A 244 -2.35 -0.72 18.21
N LEU A 245 -2.14 0.38 17.50
CA LEU A 245 -1.10 0.46 16.51
C LEU A 245 0.28 0.43 17.16
N ARG A 246 0.45 1.06 18.34
CA ARG A 246 1.75 1.03 19.03
C ARG A 246 2.19 -0.39 19.40
N ALA A 247 1.24 -1.22 19.84
CA ALA A 247 1.47 -2.62 20.09
C ALA A 247 1.69 -3.41 18.79
N GLN A 248 1.09 -3.01 17.68
CA GLN A 248 1.29 -3.77 16.41
C GLN A 248 2.67 -3.47 15.81
N LEU A 249 3.07 -2.22 15.84
CA LEU A 249 4.36 -1.80 15.37
C LEU A 249 5.50 -2.64 15.99
N ALA A 250 5.39 -2.93 17.28
CA ALA A 250 6.44 -3.58 18.04
C ALA A 250 6.71 -5.01 17.59
N ARG A 251 5.78 -5.69 16.90
CA ARG A 251 6.03 -7.03 16.38
C ARG A 251 6.34 -6.99 14.88
N LEU A 252 6.21 -5.85 14.20
CA LEU A 252 6.33 -5.84 12.77
C LEU A 252 7.62 -6.48 12.23
N ASP A 253 8.80 -6.01 12.54
CA ASP A 253 10.07 -6.55 12.02
C ASP A 253 10.32 -8.03 12.13
N GLU A 254 9.86 -8.63 13.23
CA GLU A 254 10.00 -10.05 13.38
C GLU A 254 8.95 -10.77 12.59
N GLN A 255 7.84 -10.07 12.28
CA GLN A 255 6.82 -10.74 11.48
C GLN A 255 7.27 -10.72 10.03
N ILE A 256 7.89 -9.66 9.55
CA ILE A 256 8.47 -9.55 8.24
C ILE A 256 9.65 -10.53 8.04
N ALA A 257 10.38 -10.85 9.09
CA ALA A 257 11.48 -11.79 9.05
C ALA A 257 10.92 -13.20 8.95
N VAL A 258 9.91 -13.57 9.71
CA VAL A 258 9.35 -14.90 9.51
C VAL A 258 8.82 -14.99 8.07
N ARG A 259 8.09 -13.97 7.58
CA ARG A 259 7.52 -14.05 6.25
C ARG A 259 8.55 -14.22 5.14
N ASP A 260 9.71 -13.59 5.23
CA ASP A 260 10.78 -13.63 4.25
C ASP A 260 11.43 -15.02 4.11
N GLU A 261 11.55 -15.72 5.23
CA GLU A 261 12.02 -17.10 5.18
C GLU A 261 10.94 -17.99 4.56
N ARG A 262 9.67 -17.70 4.83
CA ARG A 262 8.62 -18.53 4.26
C ARG A 262 8.43 -18.21 2.78
N TRP A 263 8.58 -16.95 2.36
CA TRP A 263 8.37 -16.68 0.92
C TRP A 263 9.46 -17.39 0.10
N THR A 264 10.71 -17.33 0.60
CA THR A 264 11.81 -18.05 -0.03
C THR A 264 11.40 -19.48 -0.34
N LEU A 265 10.91 -20.21 0.64
CA LEU A 265 10.38 -21.52 0.39
C LEU A 265 9.23 -21.49 -0.62
N LEU A 266 8.09 -20.86 -0.32
CA LEU A 266 6.87 -20.90 -1.15
C LEU A 266 7.14 -20.40 -2.56
N SER A 267 7.83 -19.31 -2.79
CA SER A 267 8.19 -18.81 -4.08
C SER A 267 8.79 -19.97 -4.92
N ARG A 268 9.70 -20.74 -4.31
CA ARG A 268 10.35 -21.81 -5.10
C ARG A 268 9.41 -22.97 -5.34
N LEU A 269 8.55 -23.34 -4.41
CA LEU A 269 7.56 -24.39 -4.63
C LEU A 269 6.58 -23.96 -5.73
N LEU A 270 6.29 -22.66 -5.80
CA LEU A 270 5.33 -22.13 -6.77
C LEU A 270 5.95 -22.18 -8.15
N GLY A 271 7.17 -21.67 -8.29
CA GLY A 271 7.89 -21.63 -9.56
C GLY A 271 8.18 -23.02 -10.14
N ALA A 272 8.09 -24.05 -9.34
CA ALA A 272 8.23 -25.42 -9.79
C ALA A 272 6.91 -25.98 -10.33
N ILE A 273 5.85 -25.18 -10.26
CA ILE A 273 4.56 -25.57 -10.77
C ILE A 273 4.48 -25.09 -12.22
N ASP A 274 4.14 -26.05 -13.07
CA ASP A 274 3.90 -25.79 -14.48
C ASP A 274 2.81 -24.74 -14.71
N GLY A 275 3.16 -23.66 -15.38
CA GLY A 275 2.25 -22.58 -15.64
C GLY A 275 2.22 -21.43 -14.61
N VAL A 276 2.86 -21.66 -13.46
CA VAL A 276 2.85 -20.74 -12.34
C VAL A 276 4.11 -19.90 -12.17
N VAL A 277 3.99 -18.58 -12.21
CA VAL A 277 5.07 -17.64 -12.04
C VAL A 277 4.84 -16.68 -10.86
N PRO A 278 5.48 -16.97 -9.74
CA PRO A 278 5.36 -16.16 -8.52
C PRO A 278 5.93 -14.79 -8.74
N GLN A 279 5.41 -13.79 -7.97
CA GLN A 279 6.01 -12.45 -8.14
C GLN A 279 7.55 -12.55 -8.17
N GLY A 280 8.18 -11.79 -9.07
CA GLY A 280 9.65 -11.78 -9.12
C GLY A 280 10.20 -10.93 -7.96
N GLY A 281 11.49 -11.03 -7.70
CA GLY A 281 12.20 -10.25 -6.73
C GLY A 281 12.93 -9.09 -7.36
N ASP A 282 13.79 -8.55 -6.47
CA ASP A 282 14.69 -7.43 -6.86
C ASP A 282 15.70 -7.27 -5.74
N VAL A 283 16.97 -7.56 -6.05
CA VAL A 283 18.01 -7.56 -5.02
C VAL A 283 18.25 -6.22 -4.35
N ARG A 284 18.02 -5.12 -5.03
CA ARG A 284 18.00 -3.77 -4.51
C ARG A 284 16.94 -3.50 -3.44
N ALA A 285 15.86 -4.28 -3.42
CA ALA A 285 14.89 -4.13 -2.32
C ALA A 285 15.40 -5.11 -1.28
N ASP A 286 16.30 -4.65 -0.43
CA ASP A 286 16.89 -5.54 0.58
C ASP A 286 15.93 -6.06 1.63
N ARG A 287 14.71 -5.47 1.72
CA ARG A 287 13.72 -5.90 2.69
C ARG A 287 12.29 -5.75 2.14
N ASN A 288 11.72 -6.89 1.84
CA ASN A 288 10.41 -7.04 1.28
C ASN A 288 9.49 -7.27 2.46
N SER A 289 8.42 -6.47 2.54
CA SER A 289 7.55 -6.71 3.74
C SER A 289 6.63 -7.86 3.61
N HIS A 290 6.40 -8.34 2.36
CA HIS A 290 5.56 -9.53 2.16
C HIS A 290 4.11 -9.28 2.60
N TYR A 291 3.50 -8.22 2.11
CA TYR A 291 2.03 -7.99 2.39
C TYR A 291 1.16 -9.03 1.71
N MET A 292 1.52 -9.47 0.49
CA MET A 292 0.78 -10.56 -0.18
C MET A 292 1.74 -11.65 -0.76
N ALA A 293 1.27 -12.87 -0.88
CA ALA A 293 2.03 -13.94 -1.54
C ALA A 293 1.39 -14.11 -2.94
N MET A 294 1.94 -13.38 -3.92
CA MET A 294 1.38 -13.30 -5.24
C MET A 294 2.00 -14.15 -6.36
N PHE A 295 1.09 -14.67 -7.23
CA PHE A 295 1.56 -15.44 -8.39
C PHE A 295 0.61 -15.31 -9.58
N ARG A 296 1.15 -15.33 -10.79
CA ARG A 296 0.45 -15.33 -12.04
C ARG A 296 0.44 -16.72 -12.66
N ILE A 297 -0.60 -16.98 -13.49
CA ILE A 297 -0.76 -18.23 -14.22
C ILE A 297 -1.01 -17.79 -15.66
N PRO A 298 0.00 -17.20 -16.31
CA PRO A 298 -0.12 -16.54 -17.62
C PRO A 298 -0.99 -17.35 -18.59
N GLY A 299 -1.84 -16.59 -19.27
CA GLY A 299 -2.78 -17.21 -20.20
C GLY A 299 -4.20 -17.38 -19.68
N LEU A 300 -4.42 -17.47 -18.39
CA LEU A 300 -5.77 -17.60 -17.82
C LEU A 300 -6.64 -16.39 -18.12
N THR A 301 -7.93 -16.66 -18.42
CA THR A 301 -8.87 -15.53 -18.57
C THR A 301 -9.16 -15.10 -17.10
N GLU A 302 -9.88 -14.01 -16.87
CA GLU A 302 -10.41 -13.69 -15.55
C GLU A 302 -11.28 -14.80 -15.00
N GLU A 303 -12.17 -15.35 -15.84
CA GLU A 303 -13.07 -16.41 -15.33
C GLU A 303 -12.33 -17.67 -14.96
N ARG A 304 -11.28 -18.07 -15.70
CA ARG A 304 -10.54 -19.27 -15.21
C ARG A 304 -9.81 -18.93 -13.89
N ARG A 305 -9.20 -17.77 -13.86
CA ARG A 305 -8.49 -17.33 -12.64
C ARG A 305 -9.44 -17.30 -11.42
N ASN A 306 -10.67 -16.71 -11.59
CA ASN A 306 -11.60 -16.60 -10.48
C ASN A 306 -12.04 -17.97 -10.05
N ALA A 307 -12.19 -18.89 -11.04
CA ALA A 307 -12.60 -20.25 -10.72
C ALA A 307 -11.46 -21.00 -9.99
N LEU A 308 -10.25 -20.68 -10.35
CA LEU A 308 -9.11 -21.31 -9.64
C LEU A 308 -9.05 -20.78 -8.20
N VAL A 309 -9.16 -19.44 -8.08
CA VAL A 309 -9.36 -18.89 -6.72
C VAL A 309 -10.48 -19.58 -5.97
N ASP A 310 -11.70 -19.73 -6.53
CA ASP A 310 -12.77 -20.35 -5.72
C ASP A 310 -12.41 -21.75 -5.27
N ARG A 311 -11.75 -22.49 -6.17
CA ARG A 311 -11.36 -23.85 -5.80
C ARG A 311 -10.28 -23.86 -4.71
N LEU A 312 -9.43 -22.86 -4.69
CA LEU A 312 -8.38 -22.76 -3.68
C LEU A 312 -8.94 -22.43 -2.30
N VAL A 313 -9.99 -21.59 -2.29
CA VAL A 313 -10.76 -21.28 -1.09
C VAL A 313 -11.46 -22.52 -0.60
N GLU A 314 -11.91 -23.39 -1.51
CA GLU A 314 -12.61 -24.60 -1.07
C GLU A 314 -11.64 -25.61 -0.47
N ALA A 315 -10.36 -25.52 -0.81
CA ALA A 315 -9.41 -26.42 -0.13
C ALA A 315 -8.82 -25.84 1.14
N GLY A 316 -9.28 -24.65 1.55
CA GLY A 316 -8.86 -24.09 2.85
C GLY A 316 -7.85 -22.98 2.68
N LEU A 317 -7.66 -22.43 1.47
CA LEU A 317 -6.64 -21.41 1.36
C LEU A 317 -7.30 -20.04 1.33
N PRO A 318 -6.66 -19.06 1.97
CA PRO A 318 -7.08 -17.69 1.91
C PRO A 318 -6.54 -17.08 0.64
N ALA A 319 -7.12 -17.53 -0.49
CA ALA A 319 -6.70 -17.04 -1.81
C ALA A 319 -7.75 -16.10 -2.36
N PHE A 320 -7.31 -15.12 -3.10
CA PHE A 320 -7.99 -14.04 -3.71
C PHE A 320 -7.51 -13.75 -5.12
N ALA A 321 -8.39 -13.10 -5.89
CA ALA A 321 -8.11 -12.58 -7.20
C ALA A 321 -7.31 -11.31 -6.93
N ALA A 322 -6.37 -10.95 -7.79
CA ALA A 322 -5.58 -9.76 -7.60
C ALA A 322 -6.42 -8.57 -8.11
N PHE A 323 -5.84 -7.41 -7.87
CA PHE A 323 -6.52 -6.21 -8.32
C PHE A 323 -6.88 -6.28 -9.80
N ARG A 324 -7.83 -5.36 -10.04
CA ARG A 324 -8.26 -5.27 -11.46
C ARG A 324 -7.76 -4.00 -12.05
N ALA A 325 -7.46 -4.07 -13.36
CA ALA A 325 -6.96 -2.85 -14.04
C ALA A 325 -7.83 -1.70 -13.56
N ILE A 326 -7.33 -0.57 -13.06
CA ILE A 326 -8.17 0.49 -12.55
C ILE A 326 -9.06 1.09 -13.62
N TYR A 327 -8.56 1.04 -14.85
CA TYR A 327 -9.31 1.48 -16.01
C TYR A 327 -10.42 0.53 -16.37
N ARG A 328 -10.59 -0.63 -15.75
CA ARG A 328 -11.65 -1.58 -15.97
C ARG A 328 -12.66 -1.57 -14.83
N THR A 329 -12.69 -0.49 -14.05
CA THR A 329 -13.64 -0.31 -12.96
C THR A 329 -14.57 0.83 -13.42
N ASP A 330 -15.84 0.82 -13.06
CA ASP A 330 -16.70 1.96 -13.39
C ASP A 330 -16.35 3.19 -12.60
N ALA A 331 -15.90 2.94 -11.34
CA ALA A 331 -15.52 4.07 -10.48
C ALA A 331 -14.49 4.89 -11.20
N PHE A 332 -13.54 4.28 -11.92
CA PHE A 332 -12.47 5.11 -12.52
C PHE A 332 -12.99 6.16 -13.49
N TRP A 333 -13.97 5.76 -14.31
CA TRP A 333 -14.57 6.64 -15.30
C TRP A 333 -15.61 7.60 -14.77
N GLU A 334 -16.10 7.50 -13.56
CA GLU A 334 -17.04 8.46 -13.04
C GLU A 334 -16.53 9.89 -12.97
N LEU A 335 -15.30 10.15 -12.61
CA LEU A 335 -14.78 11.52 -12.52
C LEU A 335 -13.32 11.56 -12.93
N GLY A 336 -12.80 12.72 -13.30
CA GLY A 336 -11.41 12.99 -13.59
C GLY A 336 -10.65 11.95 -14.37
N ALA A 337 -11.36 11.34 -15.31
CA ALA A 337 -10.76 10.31 -16.17
C ALA A 337 -9.99 11.01 -17.29
N PRO A 338 -9.06 10.31 -17.89
CA PRO A 338 -8.27 10.88 -18.98
C PRO A 338 -9.12 10.94 -20.24
N ASP A 339 -8.74 11.73 -21.24
CA ASP A 339 -9.54 11.73 -22.47
C ASP A 339 -9.25 10.56 -23.40
N GLU A 340 -8.32 9.66 -23.09
CA GLU A 340 -8.15 8.42 -23.85
C GLU A 340 -9.44 7.58 -23.64
N SER A 341 -9.48 6.47 -24.37
CA SER A 341 -10.58 5.50 -24.27
C SER A 341 -10.12 4.29 -23.47
N VAL A 342 -11.00 3.38 -23.04
CA VAL A 342 -10.59 2.10 -22.45
C VAL A 342 -9.59 1.32 -23.29
N ASP A 343 -9.77 1.09 -24.59
CA ASP A 343 -8.76 0.24 -25.28
C ASP A 343 -7.46 1.01 -25.52
N ALA A 344 -7.54 2.34 -25.61
CA ALA A 344 -6.37 3.16 -25.78
C ALA A 344 -5.42 3.06 -24.58
N ILE A 345 -6.04 3.04 -23.39
CA ILE A 345 -5.36 2.82 -22.13
C ILE A 345 -4.85 1.39 -22.06
N ALA A 346 -5.70 0.40 -22.30
CA ALA A 346 -5.24 -0.99 -22.27
C ALA A 346 -4.12 -1.23 -23.27
N ARG A 347 -4.17 -0.61 -24.46
CA ARG A 347 -3.11 -0.78 -25.46
C ARG A 347 -1.72 -0.53 -24.89
N ARG A 348 -1.60 0.55 -24.12
CA ARG A 348 -0.34 0.93 -23.50
C ARG A 348 -0.15 0.60 -22.03
N CYS A 349 -0.86 -0.44 -21.58
CA CYS A 349 -0.72 -1.05 -20.29
C CYS A 349 -0.99 -2.55 -20.45
N PRO A 350 -0.22 -3.18 -21.33
CA PRO A 350 -0.36 -4.59 -21.61
C PRO A 350 -0.05 -5.51 -20.46
N ASN A 351 0.91 -5.13 -19.60
CA ASN A 351 1.20 -6.05 -18.48
C ASN A 351 0.02 -5.98 -17.52
N THR A 352 -0.44 -4.76 -17.25
CA THR A 352 -1.58 -4.67 -16.33
C THR A 352 -2.76 -5.46 -16.84
N ASP A 353 -3.03 -5.31 -18.13
CA ASP A 353 -4.15 -5.97 -18.80
C ASP A 353 -4.15 -7.47 -18.61
N ALA A 354 -2.97 -8.07 -18.63
CA ALA A 354 -2.91 -9.50 -18.34
C ALA A 354 -2.89 -9.87 -16.88
N ILE A 355 -2.13 -9.13 -16.04
CA ILE A 355 -1.99 -9.35 -14.61
C ILE A 355 -3.40 -9.19 -13.98
N SER A 356 -4.18 -8.23 -14.41
CA SER A 356 -5.58 -7.97 -14.02
C SER A 356 -6.44 -9.21 -14.17
N SER A 357 -6.17 -10.07 -15.16
CA SER A 357 -6.87 -11.33 -15.29
C SER A 357 -6.14 -12.54 -14.81
N ASP A 358 -4.82 -12.58 -14.69
CA ASP A 358 -3.91 -13.65 -14.41
C ASP A 358 -3.50 -14.04 -12.99
N CYS A 359 -3.43 -12.97 -12.20
CA CYS A 359 -2.82 -13.00 -10.87
C CYS A 359 -3.69 -13.41 -9.71
N VAL A 360 -3.19 -14.29 -8.86
CA VAL A 360 -3.73 -14.83 -7.65
C VAL A 360 -2.85 -14.45 -6.45
N TRP A 361 -3.45 -14.27 -5.26
CA TRP A 361 -2.64 -13.90 -4.09
C TRP A 361 -3.20 -14.58 -2.89
N LEU A 362 -2.26 -14.88 -1.97
CA LEU A 362 -2.66 -15.51 -0.70
C LEU A 362 -2.43 -14.46 0.41
N HIS A 363 -3.27 -14.51 1.42
CA HIS A 363 -3.16 -13.65 2.59
C HIS A 363 -1.76 -13.81 3.21
N HIS A 364 -1.11 -12.71 3.57
CA HIS A 364 0.21 -12.70 4.19
C HIS A 364 0.25 -13.55 5.44
N ARG A 365 -0.83 -13.92 6.15
CA ARG A 365 -0.85 -14.80 7.25
C ARG A 365 -0.33 -16.21 6.91
N VAL A 366 -0.52 -16.63 5.67
CA VAL A 366 0.04 -17.88 5.17
C VAL A 366 1.56 -17.85 5.29
N LEU A 367 2.26 -16.75 5.11
CA LEU A 367 3.68 -16.64 5.25
C LEU A 367 4.20 -16.62 6.69
N LEU A 368 3.35 -16.71 7.72
CA LEU A 368 3.74 -16.91 9.09
C LEU A 368 3.61 -18.39 9.46
N ALA A 369 2.98 -19.19 8.57
CA ALA A 369 2.81 -20.60 8.96
C ALA A 369 4.14 -21.36 8.82
N GLY A 370 4.11 -22.57 9.40
CA GLY A 370 5.33 -23.41 9.25
C GLY A 370 5.52 -23.93 7.84
N GLU A 371 6.72 -24.36 7.47
CA GLU A 371 7.11 -24.95 6.19
C GLU A 371 6.19 -26.05 5.70
N PRO A 372 5.82 -26.97 6.58
CA PRO A 372 4.94 -28.05 6.19
C PRO A 372 3.61 -27.56 5.62
N GLU A 373 3.06 -26.45 6.16
CA GLU A 373 1.80 -25.95 5.61
C GLU A 373 2.14 -25.29 4.28
N LEU A 374 3.34 -24.73 4.10
CA LEU A 374 3.69 -24.18 2.83
C LEU A 374 3.72 -25.28 1.78
N HIS A 375 4.18 -26.48 2.19
CA HIS A 375 4.31 -27.64 1.33
C HIS A 375 2.90 -28.10 0.96
N ALA A 376 2.04 -28.22 1.97
CA ALA A 376 0.68 -28.62 1.72
C ALA A 376 -0.06 -27.59 0.84
N THR A 377 0.28 -26.31 1.00
CA THR A 377 -0.33 -25.23 0.28
C THR A 377 0.03 -25.33 -1.19
N ALA A 378 1.33 -25.54 -1.46
CA ALA A 378 1.76 -25.70 -2.85
C ALA A 378 1.27 -26.98 -3.51
N GLU A 379 1.01 -28.09 -2.87
CA GLU A 379 0.38 -29.24 -3.48
C GLU A 379 -1.07 -28.94 -3.85
N ILE A 380 -1.81 -28.30 -2.93
CA ILE A 380 -3.20 -27.92 -3.20
C ILE A 380 -3.29 -27.06 -4.47
N ILE A 381 -2.33 -26.15 -4.59
CA ILE A 381 -2.25 -25.27 -5.70
C ILE A 381 -1.83 -26.02 -6.97
N ALA A 382 -0.91 -26.98 -6.87
CA ALA A 382 -0.40 -27.66 -8.04
C ALA A 382 -1.57 -28.44 -8.68
N ASP A 383 -2.35 -29.11 -7.86
CA ASP A 383 -3.49 -29.86 -8.32
C ASP A 383 -4.52 -28.98 -9.00
N ALA A 384 -4.90 -27.91 -8.27
CA ALA A 384 -5.90 -26.99 -8.81
C ALA A 384 -5.44 -26.35 -10.10
N VAL A 385 -4.18 -25.97 -10.25
CA VAL A 385 -3.73 -25.28 -11.45
C VAL A 385 -3.72 -26.24 -12.66
N ALA A 386 -3.60 -27.55 -12.42
CA ALA A 386 -3.56 -28.46 -13.57
C ALA A 386 -4.98 -28.46 -14.12
N ARG A 387 -5.97 -28.35 -13.22
CA ARG A 387 -7.35 -28.39 -13.66
C ARG A 387 -7.94 -27.06 -14.05
N ALA A 388 -7.24 -25.93 -13.95
CA ALA A 388 -7.84 -24.65 -14.27
C ALA A 388 -8.21 -24.42 -15.72
#